data_7B0P
#
_entry.id   7B0P
#
_cell.length_a   51.166
_cell.length_b   192.235
_cell.length_c   76.801
_cell.angle_alpha   90.000
_cell.angle_beta   90.000
_cell.angle_gamma   90.000
#
_symmetry.space_group_name_H-M   'P 21 21 2'
#
loop_
_entity.id
_entity.type
_entity.pdbx_description
1 polymer 'Hypothetical Membrane Spanning Protein'
2 non-polymer '(2R)-2,3-dihydroxypropyl (9Z)-octadec-9-enoate'
3 non-polymer GLYCEROL
4 non-polymer 1-METHOXY-2-[2-(2-METHOXY-ETHOXY]-ETHANE
5 water water
#
_entity_poly.entity_id   1
_entity_poly.type   'polypeptide(L)'
_entity_poly.pdbx_seq_one_letter_code
;MHHHHHHSSGRENLYFQGHMDRLITLVVSYSIAFSIFALATMAVVYGKWLYYFEIDFLNIPDLADMTKDEIKRNYDVLIT
YLSPFYDGALHLPTLDMSTNGRIHFVDVKNILVKIQYVMYATIMIAVIGGIYLLKKKNEKFLLHGSILTIIFPIALMLPI
AINFEKSFVLFHKLLFSNDYWVFDPEKDPIILMLPEEFFMHAACAILLFILGGSILCYSLYRYLVKKKRMSQKKFSA
;
_entity_poly.pdbx_strand_id   A,B
#
loop_
_chem_comp.id
_chem_comp.type
_chem_comp.name
_chem_comp.formula
GOL non-polymer GLYCEROL 'C3 H8 O3'
OLC non-polymer '(2R)-2,3-dihydroxypropyl (9Z)-octadec-9-enoate' 'C21 H40 O4'
PG5 non-polymer 1-METHOXY-2-[2-(2-METHOXY-ETHOXY]-ETHANE 'C8 H18 O4'
#
# COMPACT_ATOMS: atom_id res chain seq x y z
N GLY A 10 41.07 16.35 -37.53
CA GLY A 10 39.81 16.13 -38.20
C GLY A 10 38.62 16.17 -37.26
N ARG A 11 38.89 16.22 -35.96
CA ARG A 11 37.85 16.28 -34.95
C ARG A 11 37.31 17.68 -34.73
N GLU A 12 37.97 18.70 -35.27
CA GLU A 12 37.64 20.08 -34.92
C GLU A 12 36.22 20.45 -35.35
N ASN A 13 35.73 19.87 -36.43
CA ASN A 13 34.39 20.14 -36.94
C ASN A 13 33.32 19.25 -36.31
N LEU A 14 33.63 18.61 -35.18
CA LEU A 14 32.79 17.56 -34.62
C LEU A 14 31.99 18.00 -33.39
N TYR A 15 32.23 19.22 -32.89
CA TYR A 15 31.41 19.74 -31.81
C TYR A 15 29.95 19.86 -32.23
N PHE A 16 29.69 20.10 -33.51
CA PHE A 16 28.33 20.33 -34.02
C PHE A 16 27.81 19.08 -34.74
N GLN A 17 27.53 18.03 -33.98
CA GLN A 17 27.28 16.76 -34.65
C GLN A 17 26.25 15.89 -33.91
N GLY A 18 25.47 15.14 -34.68
CA GLY A 18 24.53 14.15 -34.15
C GLY A 18 23.55 14.68 -33.13
N HIS A 19 23.14 15.95 -33.27
CA HIS A 19 22.23 16.55 -32.30
C HIS A 19 20.80 16.03 -32.42
N MET A 20 20.33 15.71 -33.63
CA MET A 20 18.91 15.44 -33.84
C MET A 20 18.43 14.16 -33.14
N ASP A 21 19.14 13.05 -33.33
CA ASP A 21 18.68 11.79 -32.75
C ASP A 21 18.74 11.79 -31.22
N ARG A 22 19.67 12.54 -30.65
CA ARG A 22 19.69 12.68 -29.19
C ARG A 22 18.42 13.39 -28.70
N LEU A 23 17.95 14.37 -29.46
CA LEU A 23 16.71 15.05 -29.11
C LEU A 23 15.51 14.11 -29.20
N ILE A 24 15.44 13.30 -30.25
CA ILE A 24 14.32 12.37 -30.40
C ILE A 24 14.29 11.39 -29.24
N THR A 25 15.46 10.85 -28.87
CA THR A 25 15.54 9.96 -27.71
C THR A 25 15.01 10.65 -26.47
N LEU A 26 15.38 11.91 -26.26
CA LEU A 26 14.91 12.64 -25.08
C LEU A 26 13.39 12.79 -25.10
N VAL A 27 12.85 13.28 -26.22
CA VAL A 27 11.40 13.44 -26.32
C VAL A 27 10.69 12.11 -26.14
N VAL A 28 11.24 11.04 -26.71
CA VAL A 28 10.60 9.73 -26.58
C VAL A 28 10.71 9.23 -25.14
N SER A 29 11.83 9.54 -24.48
CA SER A 29 12.01 9.12 -23.10
C SER A 29 10.93 9.69 -22.18
N TYR A 30 10.70 11.00 -22.26
CA TYR A 30 9.69 11.63 -21.42
C TYR A 30 8.28 11.21 -21.80
N SER A 31 8.04 10.96 -23.09
CA SER A 31 6.70 10.53 -23.49
C SER A 31 6.37 9.16 -22.92
N ILE A 32 7.31 8.23 -22.99
CA ILE A 32 7.14 6.93 -22.32
C ILE A 32 6.93 7.12 -20.82
N ALA A 33 7.76 7.98 -20.21
CA ALA A 33 7.64 8.26 -18.78
C ALA A 33 6.24 8.75 -18.45
N PHE A 34 5.81 9.84 -19.11
CA PHE A 34 4.48 10.37 -18.85
C PHE A 34 3.40 9.36 -19.17
N SER A 35 3.54 8.62 -20.28
CA SER A 35 2.54 7.64 -20.65
C SER A 35 2.37 6.58 -19.56
N ILE A 36 3.48 6.10 -18.99
CA ILE A 36 3.38 5.13 -17.91
C ILE A 36 2.72 5.74 -16.68
N PHE A 37 3.14 6.94 -16.30
CA PHE A 37 2.47 7.64 -15.20
C PHE A 37 0.99 7.80 -15.47
N ALA A 38 0.62 8.20 -16.70
CA ALA A 38 -0.77 8.44 -17.02
C ALA A 38 -1.57 7.15 -17.03
N LEU A 39 -1.01 6.08 -17.60
CA LEU A 39 -1.70 4.80 -17.60
C LEU A 39 -1.86 4.27 -16.17
N ALA A 40 -0.83 4.45 -15.34
CA ALA A 40 -0.92 4.00 -13.96
C ALA A 40 -2.04 4.70 -13.22
N THR A 41 -2.17 6.02 -13.44
CA THR A 41 -3.23 6.78 -12.80
C THR A 41 -4.60 6.31 -13.26
N MET A 42 -4.80 6.20 -14.58
CA MET A 42 -6.08 5.75 -15.10
C MET A 42 -6.43 4.35 -14.60
N ALA A 43 -5.43 3.47 -14.49
CA ALA A 43 -5.67 2.12 -13.99
C ALA A 43 -6.26 2.15 -12.58
N VAL A 44 -5.82 3.10 -11.76
CA VAL A 44 -6.27 3.17 -10.37
C VAL A 44 -7.57 3.93 -10.25
N VAL A 45 -7.72 5.03 -11.00
CA VAL A 45 -8.93 5.84 -10.91
C VAL A 45 -10.15 5.03 -11.35
N TYR A 46 -10.03 4.27 -12.44
CA TYR A 46 -11.17 3.57 -13.02
C TYR A 46 -11.23 2.09 -12.64
N GLY A 47 -10.16 1.55 -12.06
CA GLY A 47 -10.20 0.19 -11.58
C GLY A 47 -10.83 0.07 -10.21
N LYS A 48 -11.91 -0.69 -10.12
CA LYS A 48 -12.67 -0.78 -8.88
C LYS A 48 -12.19 -1.89 -7.95
N TRP A 49 -11.19 -2.69 -8.36
CA TRP A 49 -10.74 -3.80 -7.51
C TRP A 49 -10.13 -3.31 -6.21
N LEU A 50 -9.30 -2.26 -6.28
CA LEU A 50 -8.65 -1.79 -5.06
C LEU A 50 -9.69 -1.26 -4.07
N TYR A 51 -10.62 -0.42 -4.55
CA TYR A 51 -11.61 0.14 -3.65
C TYR A 51 -12.57 -0.92 -3.15
N TYR A 52 -12.92 -1.91 -4.00
CA TYR A 52 -13.78 -3.01 -3.54
C TYR A 52 -13.12 -3.77 -2.41
N PHE A 53 -11.81 -4.04 -2.53
CA PHE A 53 -11.06 -4.64 -1.42
C PHE A 53 -11.09 -3.73 -0.19
N GLU A 54 -10.99 -2.42 -0.40
CA GLU A 54 -10.84 -1.49 0.71
C GLU A 54 -12.14 -1.34 1.50
N ILE A 55 -13.30 -1.50 0.86
CA ILE A 55 -14.57 -1.37 1.58
C ILE A 55 -14.56 -2.25 2.82
N ASP A 56 -14.12 -3.49 2.67
CA ASP A 56 -14.08 -4.42 3.79
C ASP A 56 -12.82 -4.24 4.63
N PHE A 57 -11.66 -4.08 3.98
CA PHE A 57 -10.41 -4.01 4.73
C PHE A 57 -10.35 -2.78 5.63
N LEU A 58 -10.81 -1.63 5.13
CA LEU A 58 -10.81 -0.40 5.91
C LEU A 58 -12.11 -0.19 6.67
N ASN A 59 -13.02 -1.14 6.61
CA ASN A 59 -14.31 -1.07 7.32
C ASN A 59 -15.05 0.22 6.99
N ILE A 60 -15.14 0.54 5.71
CA ILE A 60 -15.82 1.74 5.26
C ILE A 60 -17.29 1.74 5.69
N PRO A 61 -17.98 0.59 5.77
CA PRO A 61 -19.35 0.61 6.29
C PRO A 61 -19.48 1.22 7.67
N ASP A 62 -18.48 1.09 8.53
CA ASP A 62 -18.57 1.72 9.84
C ASP A 62 -18.14 3.18 9.79
N LEU A 63 -17.16 3.50 8.95
CA LEU A 63 -16.80 4.89 8.72
C LEU A 63 -18.00 5.70 8.22
N ALA A 64 -18.66 5.21 7.18
CA ALA A 64 -19.71 5.96 6.49
C ALA A 64 -21.11 5.73 7.06
N ASP A 65 -21.32 4.71 7.89
CA ASP A 65 -22.66 4.30 8.32
C ASP A 65 -23.52 3.90 7.10
N MET A 66 -22.94 3.07 6.24
CA MET A 66 -23.60 2.56 5.06
C MET A 66 -23.32 1.08 4.95
N THR A 67 -24.10 0.39 4.11
CA THR A 67 -23.87 -1.02 3.84
C THR A 67 -22.87 -1.20 2.69
N LYS A 68 -22.40 -2.44 2.54
CA LYS A 68 -21.39 -2.71 1.52
C LYS A 68 -21.92 -2.44 0.11
N ASP A 69 -23.18 -2.78 -0.15
CA ASP A 69 -23.75 -2.52 -1.47
C ASP A 69 -24.04 -1.04 -1.69
N GLU A 70 -24.47 -0.33 -0.64
CA GLU A 70 -24.68 1.11 -0.78
C GLU A 70 -23.40 1.81 -1.21
N ILE A 71 -22.29 1.45 -0.54
CA ILE A 71 -21.02 2.08 -0.85
C ILE A 71 -20.61 1.78 -2.28
N LYS A 72 -20.81 0.53 -2.72
CA LYS A 72 -20.49 0.19 -4.10
C LYS A 72 -21.40 0.94 -5.07
N ARG A 73 -22.69 1.07 -4.73
CA ARG A 73 -23.62 1.73 -5.63
C ARG A 73 -23.21 3.18 -5.86
N ASN A 74 -22.92 3.90 -4.79
CA ASN A 74 -22.51 5.29 -4.94
C ASN A 74 -21.17 5.39 -5.65
N TYR A 75 -20.22 4.53 -5.29
CA TYR A 75 -18.90 4.58 -5.91
C TYR A 75 -18.96 4.28 -7.39
N ASP A 76 -19.79 3.29 -7.78
CA ASP A 76 -19.96 2.97 -9.19
C ASP A 76 -20.46 4.18 -9.96
N VAL A 77 -21.46 4.88 -9.40
CA VAL A 77 -22.02 6.06 -10.06
C VAL A 77 -20.94 7.13 -10.22
N LEU A 78 -20.10 7.32 -9.20
CA LEU A 78 -19.02 8.30 -9.28
C LEU A 78 -18.02 7.95 -10.36
N ILE A 79 -17.54 6.70 -10.37
CA ILE A 79 -16.53 6.30 -11.34
C ILE A 79 -17.10 6.36 -12.77
N THR A 80 -18.36 5.97 -12.94
CA THR A 80 -18.99 6.13 -14.25
C THR A 80 -19.00 7.59 -14.68
N TYR A 81 -19.33 8.50 -13.76
CA TYR A 81 -19.36 9.91 -14.10
C TYR A 81 -17.99 10.40 -14.54
N LEU A 82 -16.93 9.92 -13.89
CA LEU A 82 -15.59 10.36 -14.21
C LEU A 82 -15.10 9.84 -15.57
N SER A 83 -15.86 8.97 -16.21
CA SER A 83 -15.46 8.46 -17.51
C SER A 83 -15.55 9.56 -18.55
N PRO A 84 -14.57 9.68 -19.45
CA PRO A 84 -14.65 10.71 -20.50
C PRO A 84 -15.79 10.47 -21.48
N PHE A 85 -16.29 9.25 -21.57
CA PHE A 85 -17.36 8.91 -22.51
C PHE A 85 -18.74 9.14 -21.92
N TYR A 86 -18.83 9.56 -20.66
CA TYR A 86 -20.07 9.87 -19.98
C TYR A 86 -20.28 11.38 -19.97
N ASP A 87 -21.45 11.84 -20.42
CA ASP A 87 -21.70 13.27 -20.57
C ASP A 87 -22.72 13.85 -19.59
N GLY A 88 -23.41 13.02 -18.80
CA GLY A 88 -24.40 13.52 -17.88
C GLY A 88 -23.77 14.12 -16.63
N ALA A 89 -24.62 14.63 -15.75
CA ALA A 89 -24.17 15.16 -14.47
C ALA A 89 -24.04 14.04 -13.43
N LEU A 90 -23.36 14.36 -12.33
CA LEU A 90 -23.16 13.42 -11.23
C LEU A 90 -24.34 13.50 -10.27
N HIS A 91 -25.01 12.37 -10.05
CA HIS A 91 -26.14 12.28 -9.12
C HIS A 91 -25.99 11.01 -8.29
N LEU A 92 -25.49 11.15 -7.06
CA LEU A 92 -25.26 10.00 -6.19
C LEU A 92 -26.58 9.32 -5.81
N PRO A 93 -26.67 7.98 -5.86
CA PRO A 93 -27.95 7.31 -5.59
C PRO A 93 -28.52 7.56 -4.21
N THR A 94 -27.70 7.53 -3.15
CA THR A 94 -28.23 7.62 -1.79
C THR A 94 -27.50 8.66 -0.94
N LEU A 95 -26.66 9.51 -1.52
CA LEU A 95 -25.89 10.48 -0.74
C LEU A 95 -26.20 11.90 -1.18
N ASP A 96 -26.25 12.79 -0.19
CA ASP A 96 -26.47 14.20 -0.43
C ASP A 96 -25.24 14.82 -1.09
N MET A 97 -25.46 15.96 -1.76
CA MET A 97 -24.34 16.64 -2.40
C MET A 97 -24.61 18.13 -2.50
N SER A 98 -23.57 18.93 -2.25
CA SER A 98 -23.65 20.38 -2.32
C SER A 98 -23.30 20.87 -3.73
N THR A 99 -23.63 22.13 -3.99
CA THR A 99 -23.24 22.75 -5.24
C THR A 99 -21.71 22.77 -5.39
N ASN A 100 -21.00 23.16 -4.32
CA ASN A 100 -19.55 23.19 -4.40
C ASN A 100 -18.97 21.79 -4.57
N GLY A 101 -19.53 20.80 -3.87
CA GLY A 101 -19.08 19.43 -4.07
C GLY A 101 -19.24 18.98 -5.50
N ARG A 102 -20.43 19.25 -6.08
CA ARG A 102 -20.65 18.98 -7.50
C ARG A 102 -19.59 19.66 -8.35
N ILE A 103 -19.24 20.90 -8.03
CA ILE A 103 -18.23 21.62 -8.80
C ILE A 103 -16.85 20.98 -8.63
N HIS A 104 -16.54 20.47 -7.45
CA HIS A 104 -15.25 19.80 -7.25
C HIS A 104 -15.11 18.58 -8.17
N PHE A 105 -16.13 17.73 -8.22
CA PHE A 105 -16.02 16.53 -9.03
C PHE A 105 -15.94 16.86 -10.52
N VAL A 106 -16.49 18.01 -10.93
CA VAL A 106 -16.27 18.46 -12.30
C VAL A 106 -14.80 18.77 -12.51
N ASP A 107 -14.18 19.47 -11.55
CA ASP A 107 -12.76 19.77 -11.63
C ASP A 107 -11.94 18.49 -11.75
N VAL A 108 -12.26 17.48 -10.95
CA VAL A 108 -11.57 16.20 -11.02
C VAL A 108 -11.68 15.62 -12.42
N LYS A 109 -12.89 15.63 -12.98
CA LYS A 109 -13.09 15.09 -14.32
C LYS A 109 -12.26 15.85 -15.35
N ASN A 110 -12.20 17.17 -15.20
CA ASN A 110 -11.42 17.98 -16.14
C ASN A 110 -9.94 17.61 -16.08
N ILE A 111 -9.43 17.33 -14.88
CA ILE A 111 -8.04 16.91 -14.74
C ILE A 111 -7.83 15.59 -15.46
N LEU A 112 -8.74 14.63 -15.23
CA LEU A 112 -8.59 13.32 -15.84
C LEU A 112 -8.64 13.38 -17.36
N VAL A 113 -9.57 14.17 -17.91
CA VAL A 113 -9.68 14.31 -19.35
C VAL A 113 -8.39 14.89 -19.94
N LYS A 114 -7.89 15.97 -19.34
CA LYS A 114 -6.70 16.61 -19.88
C LYS A 114 -5.48 15.70 -19.79
N ILE A 115 -5.35 14.95 -18.69
CA ILE A 115 -4.25 13.99 -18.61
C ILE A 115 -4.38 12.93 -19.70
N GLN A 116 -5.61 12.46 -19.94
CA GLN A 116 -5.81 11.48 -20.99
C GLN A 116 -5.42 12.04 -22.36
N TYR A 117 -5.72 13.31 -22.61
CA TYR A 117 -5.38 13.91 -23.90
C TYR A 117 -3.86 13.93 -24.11
N VAL A 118 -3.13 14.46 -23.13
CA VAL A 118 -1.67 14.42 -23.23
C VAL A 118 -1.19 12.98 -23.39
N MET A 119 -1.80 12.07 -22.64
CA MET A 119 -1.41 10.66 -22.69
C MET A 119 -1.54 10.09 -24.10
N TYR A 120 -2.62 10.45 -24.80
CA TYR A 120 -2.78 9.98 -26.17
C TYR A 120 -1.66 10.51 -27.07
N ALA A 121 -1.27 11.78 -26.86
CA ALA A 121 -0.17 12.35 -27.62
C ALA A 121 1.16 11.69 -27.27
N THR A 122 1.42 11.50 -25.98
CA THR A 122 2.71 10.91 -25.59
C THR A 122 2.81 9.45 -26.01
N ILE A 123 1.69 8.71 -25.98
CA ILE A 123 1.73 7.31 -26.41
C ILE A 123 2.04 7.22 -27.90
N MET A 124 1.54 8.18 -28.69
CA MET A 124 1.82 8.14 -30.12
C MET A 124 3.21 8.65 -30.44
N ILE A 125 3.72 9.61 -29.66
CA ILE A 125 5.12 10.01 -29.80
C ILE A 125 6.04 8.87 -29.42
N ALA A 126 5.71 8.18 -28.33
CA ALA A 126 6.53 7.04 -27.89
C ALA A 126 6.55 5.95 -28.94
N VAL A 127 5.39 5.61 -29.50
CA VAL A 127 5.32 4.52 -30.47
C VAL A 127 6.03 4.91 -31.77
N ILE A 128 5.65 6.05 -32.35
CA ILE A 128 6.22 6.45 -33.63
C ILE A 128 7.71 6.78 -33.48
N GLY A 129 8.06 7.60 -32.49
CA GLY A 129 9.46 7.88 -32.23
C GLY A 129 10.24 6.62 -31.88
N GLY A 130 9.60 5.69 -31.16
CA GLY A 130 10.28 4.48 -30.75
C GLY A 130 10.56 3.54 -31.90
N ILE A 131 9.63 3.43 -32.85
CA ILE A 131 9.88 2.62 -34.04
C ILE A 131 11.00 3.22 -34.86
N TYR A 132 11.03 4.55 -34.98
CA TYR A 132 12.12 5.21 -35.69
C TYR A 132 13.47 4.86 -35.07
N LEU A 133 13.59 5.00 -33.74
CA LEU A 133 14.87 4.73 -33.09
C LEU A 133 15.21 3.25 -33.11
N LEU A 134 14.22 2.38 -32.89
CA LEU A 134 14.49 0.94 -32.95
C LEU A 134 14.95 0.51 -34.34
N LYS A 135 14.43 1.14 -35.39
CA LYS A 135 14.92 0.83 -36.73
C LYS A 135 16.30 1.40 -36.99
N LYS A 136 16.82 2.25 -36.10
CA LYS A 136 18.21 2.66 -36.08
C LYS A 136 19.05 1.79 -35.15
N LYS A 137 18.48 0.71 -34.62
CA LYS A 137 19.16 -0.15 -33.65
C LYS A 137 19.61 0.66 -32.43
N ASN A 138 18.78 1.60 -32.00
CA ASN A 138 19.02 2.44 -30.84
C ASN A 138 17.91 2.18 -29.83
N GLU A 139 18.25 1.50 -28.75
CA GLU A 139 17.27 1.12 -27.73
C GLU A 139 17.53 1.89 -26.44
N LYS A 140 17.91 3.16 -26.58
CA LYS A 140 18.36 3.95 -25.45
C LYS A 140 17.22 4.68 -24.77
N PHE A 141 16.23 5.10 -25.55
CA PHE A 141 15.02 5.69 -24.99
C PHE A 141 14.39 4.76 -23.96
N LEU A 142 14.63 3.46 -24.07
CA LEU A 142 14.13 2.51 -23.09
C LEU A 142 14.88 2.64 -21.78
N LEU A 143 16.21 2.77 -21.84
CA LEU A 143 16.98 2.96 -20.61
C LEU A 143 16.63 4.27 -19.94
N HIS A 144 16.72 5.39 -20.68
CA HIS A 144 16.36 6.69 -20.12
C HIS A 144 14.93 6.72 -19.64
N GLY A 145 14.02 6.07 -20.37
CA GLY A 145 12.64 6.01 -19.94
C GLY A 145 12.48 5.27 -18.63
N SER A 146 13.21 4.17 -18.46
CA SER A 146 13.13 3.42 -17.22
C SER A 146 13.74 4.20 -16.06
N ILE A 147 14.78 4.99 -16.33
CA ILE A 147 15.37 5.83 -15.29
C ILE A 147 14.37 6.85 -14.77
N LEU A 148 13.66 7.54 -15.67
CA LEU A 148 12.69 8.54 -15.24
C LEU A 148 11.53 7.90 -14.48
N THR A 149 11.14 6.69 -14.85
CA THR A 149 10.03 6.03 -14.20
C THR A 149 10.37 5.49 -12.82
N ILE A 150 11.65 5.39 -12.47
CA ILE A 150 11.99 4.93 -11.12
C ILE A 150 12.34 6.11 -10.21
N ILE A 151 12.91 7.18 -10.78
CA ILE A 151 13.21 8.37 -9.97
C ILE A 151 11.93 9.05 -9.50
N PHE A 152 10.92 9.13 -10.36
CA PHE A 152 9.68 9.80 -10.02
C PHE A 152 8.94 9.17 -8.85
N PRO A 153 8.65 7.86 -8.85
CA PRO A 153 7.95 7.30 -7.68
C PRO A 153 8.77 7.36 -6.41
N ILE A 154 10.09 7.15 -6.49
CA ILE A 154 10.90 7.20 -5.28
C ILE A 154 10.90 8.62 -4.72
N ALA A 155 10.94 9.63 -5.58
CA ALA A 155 10.92 11.01 -5.11
C ALA A 155 9.62 11.35 -4.41
N LEU A 156 8.51 10.73 -4.81
CA LEU A 156 7.22 11.04 -4.20
C LEU A 156 6.88 10.09 -3.06
N MET A 157 7.57 8.95 -3.00
CA MET A 157 7.44 8.06 -1.85
C MET A 157 7.70 8.82 -0.55
N LEU A 158 8.67 9.73 -0.58
CA LEU A 158 9.08 10.42 0.64
C LEU A 158 7.98 11.29 1.22
N PRO A 159 7.36 12.22 0.47
CA PRO A 159 6.24 12.99 1.06
C PRO A 159 5.07 12.14 1.52
N ILE A 160 4.85 10.98 0.89
CA ILE A 160 3.78 10.09 1.33
C ILE A 160 4.13 9.46 2.66
N ALA A 161 5.38 9.06 2.82
CA ALA A 161 5.80 8.36 4.03
C ALA A 161 5.95 9.33 5.20
N ILE A 162 6.60 10.46 4.96
CA ILE A 162 6.92 11.37 6.06
C ILE A 162 5.65 12.03 6.60
N ASN A 163 4.83 12.62 5.71
CA ASN A 163 3.62 13.29 6.16
C ASN A 163 2.58 13.17 5.03
N PHE A 164 1.82 12.07 5.03
CA PHE A 164 0.84 11.92 3.96
C PHE A 164 -0.23 13.00 4.00
N GLU A 165 -0.67 13.38 5.20
CA GLU A 165 -1.82 14.28 5.28
C GLU A 165 -1.47 15.65 4.73
N LYS A 166 -0.30 16.17 5.06
CA LYS A 166 0.08 17.46 4.51
C LYS A 166 0.34 17.37 3.01
N SER A 167 0.86 16.24 2.53
CA SER A 167 1.01 16.08 1.09
C SER A 167 -0.34 16.09 0.38
N PHE A 168 -1.36 15.50 1.02
CA PHE A 168 -2.70 15.50 0.45
C PHE A 168 -3.23 16.92 0.26
N VAL A 169 -3.07 17.77 1.27
CA VAL A 169 -3.64 19.11 1.20
C VAL A 169 -2.91 19.96 0.17
N LEU A 170 -1.58 19.78 0.06
CA LEU A 170 -0.84 20.60 -0.89
C LEU A 170 -1.08 20.13 -2.32
N PHE A 171 -1.15 18.82 -2.51
CA PHE A 171 -1.57 18.24 -3.79
C PHE A 171 -2.87 18.86 -4.27
N HIS A 172 -3.85 18.96 -3.37
CA HIS A 172 -5.13 19.57 -3.73
C HIS A 172 -4.98 21.06 -3.98
N LYS A 173 -4.26 21.75 -3.11
CA LYS A 173 -4.03 23.17 -3.30
C LYS A 173 -3.27 23.43 -4.60
N LEU A 174 -2.49 22.46 -5.05
CA LEU A 174 -1.74 22.61 -6.30
C LEU A 174 -2.64 22.40 -7.52
N LEU A 175 -3.43 21.33 -7.52
CA LEU A 175 -4.20 20.98 -8.71
C LEU A 175 -5.48 21.78 -8.84
N PHE A 176 -6.11 22.15 -7.74
CA PHE A 176 -7.42 22.78 -7.83
C PHE A 176 -7.32 24.25 -7.47
N SER A 177 -8.20 25.03 -8.08
CA SER A 177 -8.16 26.48 -8.05
C SER A 177 -9.16 27.07 -7.07
N ASN A 178 -9.99 26.24 -6.46
CA ASN A 178 -10.94 26.62 -5.43
C ASN A 178 -10.74 25.73 -4.22
N ASP A 179 -11.52 26.01 -3.17
CA ASP A 179 -11.51 25.25 -1.93
C ASP A 179 -12.58 24.18 -1.90
N TYR A 180 -13.28 23.97 -3.01
CA TYR A 180 -14.41 23.05 -3.03
C TYR A 180 -14.02 21.63 -2.69
N TRP A 181 -12.73 21.28 -2.77
CA TRP A 181 -12.27 19.96 -2.35
C TRP A 181 -12.34 19.76 -0.85
N VAL A 182 -12.57 20.82 -0.08
CA VAL A 182 -12.66 20.73 1.39
C VAL A 182 -14.10 20.35 1.70
N PHE A 183 -14.37 19.05 1.69
CA PHE A 183 -15.72 18.52 1.87
C PHE A 183 -16.16 18.59 3.33
N ASP A 184 -17.43 18.92 3.55
CA ASP A 184 -18.04 18.88 4.86
C ASP A 184 -18.89 17.62 4.93
N PRO A 185 -18.63 16.70 5.87
CA PRO A 185 -19.38 15.42 5.86
C PRO A 185 -20.89 15.58 5.94
N GLU A 186 -21.37 16.69 6.50
CA GLU A 186 -22.79 16.92 6.63
C GLU A 186 -23.42 17.45 5.35
N LYS A 187 -22.62 18.05 4.47
CA LYS A 187 -23.09 18.53 3.19
C LYS A 187 -22.66 17.67 2.01
N ASP A 188 -21.50 17.01 2.12
CA ASP A 188 -20.99 16.09 1.11
C ASP A 188 -20.61 14.77 1.78
N PRO A 189 -21.61 13.97 2.18
CA PRO A 189 -21.32 12.72 2.91
C PRO A 189 -20.44 11.74 2.16
N ILE A 190 -20.20 11.92 0.86
CA ILE A 190 -19.38 10.98 0.13
C ILE A 190 -17.98 10.91 0.70
N ILE A 191 -17.52 11.99 1.36
CA ILE A 191 -16.18 12.01 1.93
C ILE A 191 -16.01 10.92 2.99
N LEU A 192 -17.09 10.55 3.69
CA LEU A 192 -17.02 9.50 4.68
C LEU A 192 -16.63 8.15 4.07
N MET A 193 -17.06 7.89 2.83
CA MET A 193 -16.72 6.65 2.17
C MET A 193 -15.53 6.79 1.23
N LEU A 194 -14.80 7.90 1.33
CA LEU A 194 -13.52 8.07 0.65
C LEU A 194 -12.48 8.41 1.71
N PRO A 195 -12.11 7.45 2.57
CA PRO A 195 -11.18 7.74 3.66
C PRO A 195 -9.77 8.03 3.15
N GLU A 196 -9.03 8.80 3.95
CA GLU A 196 -7.68 9.19 3.54
C GLU A 196 -6.77 7.99 3.36
N GLU A 197 -6.94 6.93 4.16
CA GLU A 197 -6.10 5.76 3.99
C GLU A 197 -6.28 5.12 2.62
N PHE A 198 -7.51 5.14 2.09
CA PHE A 198 -7.73 4.65 0.73
C PHE A 198 -6.91 5.47 -0.26
N PHE A 199 -6.92 6.79 -0.13
CA PHE A 199 -6.13 7.62 -1.04
C PHE A 199 -4.66 7.30 -0.93
N MET A 200 -4.19 6.94 0.26
CA MET A 200 -2.79 6.58 0.42
C MET A 200 -2.49 5.26 -0.29
N HIS A 201 -3.36 4.26 -0.10
CA HIS A 201 -3.21 3.03 -0.86
C HIS A 201 -3.31 3.29 -2.35
N ALA A 202 -4.23 4.16 -2.76
CA ALA A 202 -4.36 4.50 -4.18
C ALA A 202 -3.10 5.18 -4.70
N ALA A 203 -2.56 6.14 -3.94
CA ALA A 203 -1.30 6.77 -4.33
C ALA A 203 -0.17 5.76 -4.38
N CYS A 204 -0.08 4.88 -3.38
CA CYS A 204 0.95 3.85 -3.42
C CYS A 204 0.74 2.89 -4.58
N ALA A 205 -0.52 2.66 -4.97
CA ALA A 205 -0.78 1.79 -6.11
C ALA A 205 -0.27 2.41 -7.39
N ILE A 206 -0.45 3.73 -7.55
CA ILE A 206 0.00 4.39 -8.78
C ILE A 206 1.52 4.27 -8.90
N LEU A 207 2.24 4.55 -7.82
CA LEU A 207 3.70 4.47 -7.85
C LEU A 207 4.16 3.05 -8.16
N LEU A 208 3.51 2.04 -7.59
CA LEU A 208 3.88 0.67 -7.88
C LEU A 208 3.72 0.35 -9.36
N PHE A 209 2.61 0.77 -9.97
CA PHE A 209 2.45 0.57 -11.40
C PHE A 209 3.52 1.30 -12.20
N ILE A 210 3.83 2.54 -11.82
CA ILE A 210 4.91 3.27 -12.48
C ILE A 210 6.23 2.55 -12.29
N LEU A 211 6.46 2.04 -11.08
CA LEU A 211 7.63 1.23 -10.81
C LEU A 211 7.64 -0.01 -11.72
N GLY A 212 6.54 -0.76 -11.74
CA GLY A 212 6.43 -1.88 -12.66
C GLY A 212 6.71 -1.50 -14.10
N GLY A 213 6.22 -0.32 -14.51
CA GLY A 213 6.53 0.15 -15.85
C GLY A 213 8.02 0.33 -16.08
N SER A 214 8.72 0.84 -15.06
CA SER A 214 10.17 0.99 -15.14
C SER A 214 10.86 -0.35 -15.29
N ILE A 215 10.37 -1.38 -14.60
CA ILE A 215 10.95 -2.72 -14.73
C ILE A 215 10.77 -3.22 -16.15
N LEU A 216 9.56 -3.06 -16.69
CA LEU A 216 9.26 -3.55 -18.03
C LEU A 216 10.12 -2.85 -19.09
N CYS A 217 10.45 -1.58 -18.88
CA CYS A 217 11.23 -0.83 -19.86
C CYS A 217 12.69 -1.27 -19.83
N TYR A 218 13.28 -1.33 -18.63
CA TYR A 218 14.64 -1.81 -18.49
C TYR A 218 14.79 -3.23 -19.02
N SER A 219 13.80 -4.10 -18.75
CA SER A 219 13.91 -5.48 -19.21
C SER A 219 13.92 -5.56 -20.74
N LEU A 220 13.08 -4.77 -21.41
CA LEU A 220 13.13 -4.73 -22.86
C LEU A 220 14.43 -4.10 -23.36
N TYR A 221 14.94 -3.10 -22.63
CA TYR A 221 16.23 -2.53 -22.98
C TYR A 221 17.32 -3.58 -22.83
N ARG A 222 17.29 -4.35 -21.74
CA ARG A 222 18.33 -5.35 -21.53
C ARG A 222 18.22 -6.48 -22.56
N TYR A 223 17.00 -6.81 -22.99
CA TYR A 223 16.82 -7.81 -24.04
C TYR A 223 17.47 -7.36 -25.34
N LEU A 224 17.16 -6.15 -25.79
CA LEU A 224 17.71 -5.66 -27.06
C LEU A 224 19.23 -5.58 -27.02
N VAL A 225 19.79 -5.11 -25.90
CA VAL A 225 21.25 -5.07 -25.78
C VAL A 225 21.82 -6.48 -25.81
N LYS A 226 21.15 -7.42 -25.13
CA LYS A 226 21.60 -8.81 -25.15
C LYS A 226 21.57 -9.37 -26.56
N LYS A 227 20.57 -8.97 -27.35
CA LYS A 227 20.47 -9.48 -28.71
C LYS A 227 21.65 -9.06 -29.57
N LYS A 228 22.11 -7.82 -29.42
CA LYS A 228 23.23 -7.35 -30.23
C LYS A 228 24.55 -7.99 -29.81
N ARG A 229 24.77 -8.13 -28.51
CA ARG A 229 26.00 -8.79 -28.06
C ARG A 229 25.98 -10.28 -28.38
N MET A 230 24.84 -10.97 -28.19
CA MET A 230 24.74 -12.33 -28.70
C MET A 230 24.77 -12.35 -30.24
N SER A 231 24.27 -11.29 -30.88
CA SER A 231 24.37 -11.24 -32.34
C SER A 231 25.82 -11.29 -32.80
N GLN A 232 26.74 -10.73 -32.00
CA GLN A 232 28.16 -10.87 -32.28
C GLN A 232 28.58 -12.33 -32.23
N LYS A 233 28.26 -13.02 -31.13
CA LYS A 233 28.67 -14.40 -30.89
C LYS A 233 28.31 -15.35 -32.04
N GLN B 17 33.58 4.18 0.60
CA GLN B 17 32.47 3.81 -0.27
C GLN B 17 32.12 2.32 -0.16
N GLY B 18 33.13 1.45 -0.26
CA GLY B 18 32.89 0.02 -0.11
C GLY B 18 32.28 -0.33 1.23
N HIS B 19 32.86 0.19 2.31
CA HIS B 19 32.31 -0.06 3.64
C HIS B 19 30.96 0.64 3.78
N MET B 20 30.78 1.75 3.07
CA MET B 20 29.52 2.46 3.11
C MET B 20 28.39 1.55 2.61
N ASP B 21 28.64 0.81 1.52
CA ASP B 21 27.65 -0.12 1.00
C ASP B 21 27.36 -1.23 2.00
N ARG B 22 28.37 -1.65 2.76
CA ARG B 22 28.18 -2.68 3.78
C ARG B 22 27.27 -2.19 4.90
N LEU B 23 27.41 -0.92 5.30
CA LEU B 23 26.50 -0.37 6.30
C LEU B 23 25.07 -0.29 5.76
N ILE B 24 24.92 0.13 4.51
CA ILE B 24 23.59 0.20 3.90
C ILE B 24 22.95 -1.17 3.89
N THR B 25 23.73 -2.20 3.54
CA THR B 25 23.21 -3.58 3.59
C THR B 25 22.70 -3.92 4.98
N LEU B 26 23.42 -3.48 6.02
CA LEU B 26 22.99 -3.78 7.39
C LEU B 26 21.65 -3.14 7.69
N VAL B 27 21.54 -1.83 7.46
CA VAL B 27 20.29 -1.12 7.75
C VAL B 27 19.15 -1.65 6.90
N VAL B 28 19.41 -1.92 5.61
CA VAL B 28 18.37 -2.40 4.73
C VAL B 28 17.94 -3.81 5.12
N SER B 29 18.91 -4.65 5.52
CA SER B 29 18.57 -6.01 5.94
C SER B 29 17.62 -5.99 7.13
N TYR B 30 17.94 -5.19 8.14
CA TYR B 30 17.06 -5.09 9.30
C TYR B 30 15.74 -4.43 8.95
N SER B 31 15.75 -3.46 8.03
CA SER B 31 14.51 -2.80 7.65
C SER B 31 13.55 -3.78 6.98
N ILE B 32 14.08 -4.64 6.11
CA ILE B 32 13.27 -5.70 5.53
C ILE B 32 12.69 -6.58 6.62
N ALA B 33 13.53 -6.98 7.58
CA ALA B 33 13.06 -7.84 8.67
C ALA B 33 11.89 -7.21 9.40
N PHE B 34 12.07 -6.01 9.95
CA PHE B 34 10.99 -5.39 10.70
C PHE B 34 9.78 -5.12 9.82
N SER B 35 10.01 -4.71 8.57
CA SER B 35 8.87 -4.44 7.68
C SER B 35 7.99 -5.68 7.52
N ILE B 36 8.60 -6.85 7.35
CA ILE B 36 7.82 -8.08 7.22
C ILE B 36 7.11 -8.41 8.52
N PHE B 37 7.76 -8.18 9.65
N PHE B 37 7.78 -8.21 9.65
CA PHE B 37 7.08 -8.41 10.93
CA PHE B 37 7.12 -8.38 10.95
C PHE B 37 5.90 -7.47 11.10
C PHE B 37 5.88 -7.48 11.04
N ALA B 38 6.06 -6.20 10.73
CA ALA B 38 4.98 -5.23 10.87
C ALA B 38 3.85 -5.51 9.88
N LEU B 39 4.19 -5.84 8.63
CA LEU B 39 3.15 -6.14 7.65
C LEU B 39 2.36 -7.38 8.05
N ALA B 40 3.06 -8.40 8.55
CA ALA B 40 2.37 -9.61 9.00
C ALA B 40 1.42 -9.31 10.16
N THR B 41 1.87 -8.48 11.10
CA THR B 41 1.02 -8.11 12.23
C THR B 41 -0.22 -7.37 11.74
N MET B 42 -0.04 -6.37 10.88
CA MET B 42 -1.18 -5.62 10.35
C MET B 42 -2.12 -6.55 9.60
N ALA B 43 -1.57 -7.47 8.80
CA ALA B 43 -2.41 -8.38 8.03
C ALA B 43 -3.33 -9.19 8.92
N VAL B 44 -2.87 -9.58 10.10
CA VAL B 44 -3.66 -10.41 11.00
C VAL B 44 -4.55 -9.56 11.91
N VAL B 45 -4.02 -8.45 12.43
CA VAL B 45 -4.81 -7.61 13.32
C VAL B 45 -6.00 -7.02 12.59
N TYR B 46 -5.80 -6.56 11.35
CA TYR B 46 -6.82 -5.87 10.59
C TYR B 46 -7.51 -6.75 9.55
N GLY B 47 -6.98 -7.93 9.28
CA GLY B 47 -7.67 -8.85 8.39
C GLY B 47 -8.72 -9.61 9.16
N LYS B 48 -9.98 -9.45 8.76
CA LYS B 48 -11.10 -10.00 9.53
C LYS B 48 -11.41 -11.44 9.15
N TRP B 49 -10.72 -12.00 8.16
CA TRP B 49 -11.03 -13.35 7.69
C TRP B 49 -10.80 -14.39 8.77
N LEU B 50 -9.71 -14.26 9.54
CA LEU B 50 -9.39 -15.27 10.54
C LEU B 50 -10.45 -15.32 11.64
N TYR B 51 -10.87 -14.17 12.17
CA TYR B 51 -11.87 -14.19 13.23
C TYR B 51 -13.24 -14.63 12.72
N TYR B 52 -13.62 -14.25 11.50
CA TYR B 52 -14.90 -14.71 10.95
C TYR B 52 -14.93 -16.22 10.83
N PHE B 53 -13.83 -16.82 10.37
CA PHE B 53 -13.72 -18.27 10.41
C PHE B 53 -13.81 -18.78 11.84
N GLU B 54 -13.28 -18.01 12.79
CA GLU B 54 -13.17 -18.46 14.17
C GLU B 54 -14.53 -18.48 14.86
N ILE B 55 -15.45 -17.60 14.45
CA ILE B 55 -16.78 -17.57 15.06
C ILE B 55 -17.43 -18.95 15.00
N ASP B 56 -17.36 -19.59 13.83
CA ASP B 56 -17.97 -20.89 13.65
C ASP B 56 -17.06 -22.00 14.16
N PHE B 57 -15.76 -21.89 13.90
CA PHE B 57 -14.83 -22.95 14.27
C PHE B 57 -14.79 -23.16 15.78
N LEU B 58 -14.77 -22.07 16.55
CA LEU B 58 -14.79 -22.15 18.00
C LEU B 58 -16.19 -22.03 18.59
N ASN B 59 -17.22 -21.92 17.74
CA ASN B 59 -18.60 -21.80 18.20
C ASN B 59 -18.76 -20.66 19.21
N ILE B 60 -18.20 -19.52 18.86
CA ILE B 60 -18.25 -18.32 19.71
C ILE B 60 -19.68 -17.88 20.02
N PRO B 61 -20.67 -18.05 19.14
CA PRO B 61 -22.04 -17.66 19.52
C PRO B 61 -22.56 -18.35 20.76
N ASP B 62 -22.12 -19.57 21.06
CA ASP B 62 -22.52 -20.25 22.28
C ASP B 62 -21.65 -19.87 23.47
N LEU B 63 -20.34 -19.67 23.23
CA LEU B 63 -19.47 -19.12 24.26
C LEU B 63 -19.99 -17.79 24.79
N ALA B 64 -20.29 -16.87 23.89
CA ALA B 64 -20.64 -15.50 24.26
C ALA B 64 -22.13 -15.31 24.50
N ASP B 65 -22.98 -16.25 24.10
CA ASP B 65 -24.43 -16.06 24.12
C ASP B 65 -24.83 -14.85 23.27
N MET B 66 -24.30 -14.81 22.05
CA MET B 66 -24.62 -13.78 21.08
C MET B 66 -24.87 -14.46 19.74
N THR B 67 -25.49 -13.73 18.83
CA THR B 67 -25.67 -14.26 17.49
C THR B 67 -24.45 -13.94 16.64
N LYS B 68 -24.35 -14.63 15.50
CA LYS B 68 -23.20 -14.44 14.61
C LYS B 68 -23.16 -13.02 14.08
N ASP B 69 -24.32 -12.44 13.76
CA ASP B 69 -24.33 -11.07 13.27
C ASP B 69 -23.99 -10.08 14.37
N GLU B 70 -24.46 -10.34 15.59
CA GLU B 70 -24.07 -9.49 16.72
C GLU B 70 -22.57 -9.53 16.95
N ILE B 71 -21.99 -10.74 16.92
CA ILE B 71 -20.56 -10.88 17.14
C ILE B 71 -19.78 -10.16 16.06
N LYS B 72 -20.22 -10.28 14.80
CA LYS B 72 -19.54 -9.59 13.70
C LYS B 72 -19.65 -8.08 13.85
N ARG B 73 -20.80 -7.59 14.33
CA ARG B 73 -21.00 -6.14 14.46
C ARG B 73 -19.99 -5.55 15.45
N ASN B 74 -19.89 -6.16 16.63
CA ASN B 74 -18.98 -5.63 17.64
C ASN B 74 -17.52 -5.76 17.23
N TYR B 75 -17.17 -6.89 16.60
CA TYR B 75 -15.78 -7.06 16.17
C TYR B 75 -15.40 -6.04 15.10
N ASP B 76 -16.30 -5.79 14.14
CA ASP B 76 -16.02 -4.81 13.08
C ASP B 76 -15.76 -3.43 13.67
N VAL B 77 -16.59 -3.01 14.62
CA VAL B 77 -16.43 -1.70 15.25
C VAL B 77 -15.08 -1.62 15.96
N LEU B 78 -14.68 -2.71 16.61
CA LEU B 78 -13.38 -2.73 17.30
C LEU B 78 -12.23 -2.56 16.31
N ILE B 79 -12.22 -3.35 15.23
CA ILE B 79 -11.14 -3.26 14.26
C ILE B 79 -11.14 -1.89 13.59
N THR B 80 -12.33 -1.34 13.33
CA THR B 80 -12.40 0.02 12.80
C THR B 80 -11.73 1.00 13.77
N TYR B 81 -12.01 0.86 15.06
CA TYR B 81 -11.45 1.75 16.07
C TYR B 81 -9.93 1.66 16.15
N LEU B 82 -9.37 0.45 16.01
CA LEU B 82 -7.93 0.29 16.16
C LEU B 82 -7.13 0.90 15.03
N SER B 83 -7.78 1.41 13.98
CA SER B 83 -7.06 2.03 12.89
C SER B 83 -6.41 3.34 13.35
N PRO B 84 -5.15 3.59 12.97
CA PRO B 84 -4.52 4.87 13.36
C PRO B 84 -5.18 6.08 12.72
N PHE B 85 -5.91 5.91 11.63
CA PHE B 85 -6.61 6.99 10.97
C PHE B 85 -7.98 7.25 11.57
N TYR B 86 -8.38 6.47 12.57
CA TYR B 86 -9.67 6.63 13.21
C TYR B 86 -9.48 7.43 14.49
N ASP B 87 -10.25 8.50 14.64
CA ASP B 87 -10.09 9.42 15.76
C ASP B 87 -11.21 9.35 16.79
N GLY B 88 -12.28 8.60 16.51
CA GLY B 88 -13.38 8.51 17.43
C GLY B 88 -13.10 7.58 18.59
N ALA B 89 -14.06 7.54 19.51
CA ALA B 89 -13.98 6.65 20.65
C ALA B 89 -14.49 5.27 20.28
N LEU B 90 -14.17 4.30 21.13
CA LEU B 90 -14.65 2.94 20.94
C LEU B 90 -16.03 2.81 21.58
N HIS B 91 -17.02 2.41 20.77
CA HIS B 91 -18.40 2.23 21.23
C HIS B 91 -18.90 0.90 20.71
N LEU B 92 -18.85 -0.13 21.54
CA LEU B 92 -19.34 -1.42 21.11
C LEU B 92 -20.85 -1.33 20.91
N PRO B 93 -21.38 -1.81 19.79
CA PRO B 93 -22.82 -1.64 19.54
C PRO B 93 -23.70 -2.30 20.58
N THR B 94 -23.34 -3.51 21.03
CA THR B 94 -24.22 -4.31 21.87
C THR B 94 -23.55 -4.80 23.15
N LEU B 95 -22.38 -4.30 23.49
CA LEU B 95 -21.67 -4.74 24.69
C LEU B 95 -21.29 -3.56 25.57
N ASP B 96 -21.42 -3.77 26.89
CA ASP B 96 -20.91 -2.83 27.86
C ASP B 96 -19.38 -2.92 27.91
N MET B 97 -18.75 -1.88 28.41
CA MET B 97 -17.31 -1.91 28.60
C MET B 97 -16.95 -0.96 29.74
N SER B 98 -15.96 -1.35 30.52
CA SER B 98 -15.51 -0.58 31.68
C SER B 98 -14.47 0.46 31.29
N THR B 99 -14.24 1.40 32.20
CA THR B 99 -13.20 2.41 32.00
C THR B 99 -11.84 1.76 31.81
N ASN B 100 -11.53 0.74 32.61
CA ASN B 100 -10.25 0.05 32.44
C ASN B 100 -10.18 -0.62 31.08
N GLY B 101 -11.29 -1.19 30.62
CA GLY B 101 -11.33 -1.76 29.28
C GLY B 101 -11.03 -0.73 28.21
N ARG B 102 -11.69 0.43 28.26
CA ARG B 102 -11.39 1.52 27.34
C ARG B 102 -9.91 1.88 27.38
N ILE B 103 -9.34 1.96 28.58
CA ILE B 103 -7.93 2.32 28.69
C ILE B 103 -7.05 1.25 28.07
N HIS B 104 -7.41 -0.02 28.25
CA HIS B 104 -6.63 -1.09 27.62
C HIS B 104 -6.68 -0.94 26.11
N PHE B 105 -7.87 -0.73 25.54
CA PHE B 105 -7.97 -0.62 24.10
C PHE B 105 -7.26 0.61 23.58
N VAL B 106 -7.17 1.67 24.39
CA VAL B 106 -6.32 2.80 24.02
C VAL B 106 -4.86 2.38 24.01
N ASP B 107 -4.43 1.63 25.03
CA ASP B 107 -3.06 1.14 25.05
C ASP B 107 -2.77 0.27 23.84
N VAL B 108 -3.69 -0.66 23.53
CA VAL B 108 -3.52 -1.52 22.36
C VAL B 108 -3.41 -0.68 21.10
N LYS B 109 -4.27 0.33 20.96
CA LYS B 109 -4.21 1.17 19.77
C LYS B 109 -2.88 1.89 19.68
N ASN B 110 -2.36 2.39 20.80
CA ASN B 110 -1.09 3.11 20.76
C ASN B 110 0.04 2.21 20.29
N ILE B 111 0.04 0.94 20.68
CA ILE B 111 1.07 0.01 20.21
C ILE B 111 0.98 -0.14 18.70
N LEU B 112 -0.23 -0.34 18.18
CA LEU B 112 -0.41 -0.51 16.74
C LEU B 112 0.03 0.73 15.97
N VAL B 113 -0.29 1.92 16.50
CA VAL B 113 0.15 3.15 15.86
C VAL B 113 1.67 3.18 15.75
N LYS B 114 2.35 2.86 16.84
CA LYS B 114 3.82 2.90 16.84
C LYS B 114 4.40 1.91 15.84
N ILE B 115 3.83 0.71 15.76
CA ILE B 115 4.32 -0.28 14.79
C ILE B 115 4.14 0.25 13.38
N GLN B 116 3.00 0.89 13.11
CA GLN B 116 2.78 1.49 11.80
C GLN B 116 3.80 2.59 11.52
N TYR B 117 4.13 3.40 12.53
CA TYR B 117 5.07 4.49 12.32
C TYR B 117 6.43 3.96 11.87
N VAL B 118 6.99 3.02 12.63
CA VAL B 118 8.25 2.40 12.23
C VAL B 118 8.12 1.73 10.87
N MET B 119 6.98 1.07 10.63
CA MET B 119 6.81 0.32 9.38
C MET B 119 6.92 1.24 8.16
N TYR B 120 6.35 2.45 8.23
CA TYR B 120 6.49 3.38 7.11
C TYR B 120 7.96 3.74 6.88
N ALA B 121 8.71 3.94 7.97
CA ALA B 121 10.13 4.25 7.82
C ALA B 121 10.91 3.05 7.29
N THR B 122 10.65 1.86 7.85
CA THR B 122 11.41 0.68 7.44
C THR B 122 11.07 0.26 6.02
N ILE B 123 9.80 0.41 5.60
CA ILE B 123 9.44 0.06 4.23
C ILE B 123 10.14 0.98 3.25
N MET B 124 10.30 2.27 3.60
CA MET B 124 10.93 3.21 2.70
C MET B 124 12.45 3.11 2.73
N ILE B 125 13.02 2.78 3.87
CA ILE B 125 14.45 2.50 3.94
C ILE B 125 14.76 1.24 3.15
N ALA B 126 13.90 0.21 3.27
CA ALA B 126 14.14 -1.03 2.55
C ALA B 126 14.12 -0.83 1.04
N VAL B 127 13.10 -0.15 0.52
CA VAL B 127 12.96 -0.03 -0.93
C VAL B 127 14.03 0.89 -1.51
N ILE B 128 14.19 2.09 -0.94
CA ILE B 128 15.15 3.03 -1.49
C ILE B 128 16.56 2.48 -1.35
N GLY B 129 16.91 2.01 -0.15
CA GLY B 129 18.20 1.35 0.02
C GLY B 129 18.33 0.08 -0.81
N GLY B 130 17.24 -0.67 -0.96
CA GLY B 130 17.33 -1.93 -1.69
C GLY B 130 17.54 -1.74 -3.18
N ILE B 131 16.84 -0.76 -3.77
CA ILE B 131 17.03 -0.47 -5.19
C ILE B 131 18.45 0.07 -5.43
N TYR B 132 18.93 0.92 -4.52
CA TYR B 132 20.29 1.42 -4.59
C TYR B 132 21.30 0.26 -4.64
N LEU B 133 21.15 -0.70 -3.72
CA LEU B 133 22.06 -1.84 -3.69
C LEU B 133 21.85 -2.75 -4.90
N LEU B 134 20.60 -2.94 -5.34
CA LEU B 134 20.38 -3.69 -6.57
C LEU B 134 21.03 -2.99 -7.76
N LYS B 135 21.07 -1.65 -7.74
CA LYS B 135 21.79 -0.89 -8.75
C LYS B 135 23.30 -0.95 -8.58
N LYS B 136 23.78 -1.45 -7.44
CA LYS B 136 25.19 -1.74 -7.25
C LYS B 136 25.52 -3.17 -7.56
N LYS B 137 24.57 -3.91 -8.10
CA LYS B 137 24.75 -5.32 -8.40
C LYS B 137 25.15 -6.09 -7.15
N ASN B 138 24.63 -5.62 -6.01
CA ASN B 138 24.87 -6.19 -4.69
C ASN B 138 23.51 -6.51 -4.09
N GLU B 139 23.19 -7.81 -4.03
CA GLU B 139 21.90 -8.20 -3.46
C GLU B 139 22.07 -8.99 -2.18
N LYS B 140 22.98 -8.55 -1.32
CA LYS B 140 23.26 -9.30 -0.10
C LYS B 140 22.21 -8.99 0.96
N PHE B 141 21.69 -7.76 0.96
CA PHE B 141 20.61 -7.39 1.88
C PHE B 141 19.41 -8.32 1.79
N LEU B 142 19.18 -8.95 0.64
CA LEU B 142 18.06 -9.87 0.52
C LEU B 142 18.32 -11.16 1.30
N LEU B 143 19.52 -11.72 1.16
CA LEU B 143 19.85 -12.93 1.90
C LEU B 143 19.86 -12.66 3.40
N HIS B 144 20.63 -11.66 3.83
CA HIS B 144 20.68 -11.32 5.25
C HIS B 144 19.30 -10.94 5.79
N GLY B 145 18.51 -10.23 4.98
CA GLY B 145 17.17 -9.86 5.41
C GLY B 145 16.27 -11.06 5.62
N SER B 146 16.33 -12.04 4.72
CA SER B 146 15.48 -13.22 4.87
C SER B 146 15.92 -14.07 6.06
N ILE B 147 17.23 -14.16 6.29
CA ILE B 147 17.73 -14.90 7.46
C ILE B 147 17.25 -14.24 8.73
N LEU B 148 17.36 -12.90 8.83
CA LEU B 148 16.87 -12.21 10.00
C LEU B 148 15.36 -12.35 10.14
N THR B 149 14.63 -12.44 9.02
CA THR B 149 13.18 -12.49 9.07
C THR B 149 12.68 -13.84 9.57
N ILE B 150 13.47 -14.90 9.42
CA ILE B 150 13.01 -16.23 9.80
C ILE B 150 13.41 -16.60 11.22
N ILE B 151 14.39 -15.91 11.80
CA ILE B 151 14.73 -16.15 13.20
C ILE B 151 13.52 -15.90 14.09
N PHE B 152 12.71 -14.90 13.76
CA PHE B 152 11.57 -14.54 14.59
C PHE B 152 10.56 -15.68 14.70
N PRO B 153 10.06 -16.28 13.61
CA PRO B 153 9.14 -17.42 13.80
C PRO B 153 9.80 -18.65 14.41
N ILE B 154 11.06 -18.93 14.08
CA ILE B 154 11.72 -20.10 14.62
C ILE B 154 11.85 -19.99 16.14
N ALA B 155 12.20 -18.80 16.63
CA ALA B 155 12.34 -18.61 18.07
C ALA B 155 11.00 -18.69 18.80
N LEU B 156 9.93 -18.25 18.15
CA LEU B 156 8.62 -18.15 18.80
C LEU B 156 7.67 -19.30 18.50
N MET B 157 7.96 -20.14 17.51
CA MET B 157 7.07 -21.26 17.21
C MET B 157 6.76 -22.10 18.44
N LEU B 158 7.78 -22.43 19.24
CA LEU B 158 7.51 -23.24 20.43
C LEU B 158 6.74 -22.46 21.49
N PRO B 159 7.20 -21.27 21.93
CA PRO B 159 6.39 -20.56 22.94
C PRO B 159 4.96 -20.27 22.49
N ILE B 160 4.72 -20.14 21.18
CA ILE B 160 3.34 -19.97 20.72
C ILE B 160 2.58 -21.29 20.76
N ALA B 161 3.20 -22.38 20.27
CA ALA B 161 2.46 -23.63 20.13
C ALA B 161 2.37 -24.41 21.44
N ILE B 162 3.51 -24.70 22.07
CA ILE B 162 3.50 -25.56 23.24
C ILE B 162 2.94 -24.82 24.45
N ASN B 163 3.27 -23.53 24.61
CA ASN B 163 2.87 -22.81 25.81
C ASN B 163 2.40 -21.38 25.48
N PHE B 164 1.32 -21.28 24.72
CA PHE B 164 0.78 -19.95 24.42
C PHE B 164 0.37 -19.19 25.67
N GLU B 165 -0.14 -19.90 26.69
CA GLU B 165 -0.81 -19.23 27.80
C GLU B 165 0.16 -18.39 28.64
N LYS B 166 1.32 -18.93 29.00
CA LYS B 166 2.28 -18.13 29.75
C LYS B 166 2.94 -17.08 28.85
N SER B 167 3.16 -17.39 27.57
CA SER B 167 3.68 -16.38 26.65
C SER B 167 2.71 -15.21 26.51
N PHE B 168 1.41 -15.49 26.53
CA PHE B 168 0.40 -14.43 26.47
C PHE B 168 0.55 -13.49 27.67
N VAL B 169 0.69 -14.05 28.87
CA VAL B 169 0.81 -13.23 30.07
C VAL B 169 2.11 -12.45 30.06
N LEU B 170 3.19 -13.05 29.55
CA LEU B 170 4.47 -12.37 29.52
C LEU B 170 4.47 -11.27 28.46
N PHE B 171 3.84 -11.56 27.31
CA PHE B 171 3.59 -10.55 26.29
C PHE B 171 2.92 -9.32 26.88
N HIS B 172 1.84 -9.52 27.64
CA HIS B 172 1.09 -8.40 28.19
C HIS B 172 1.87 -7.64 29.26
N LYS B 173 2.49 -8.37 30.19
CA LYS B 173 3.28 -7.72 31.24
C LYS B 173 4.45 -6.96 30.66
N LEU B 174 4.93 -7.37 29.48
CA LEU B 174 6.03 -6.68 28.83
C LEU B 174 5.57 -5.38 28.16
N LEU B 175 4.48 -5.44 27.42
CA LEU B 175 4.02 -4.33 26.60
C LEU B 175 3.19 -3.31 27.35
N PHE B 176 2.44 -3.73 28.37
CA PHE B 176 1.53 -2.83 29.06
C PHE B 176 2.00 -2.52 30.47
N SER B 177 1.63 -1.33 30.95
CA SER B 177 2.10 -0.83 32.22
C SER B 177 1.06 -0.99 33.32
N ASN B 178 -0.12 -1.47 32.98
CA ASN B 178 -1.17 -1.82 33.92
C ASN B 178 -1.59 -3.27 33.67
N ASP B 179 -2.47 -3.77 34.52
CA ASP B 179 -3.04 -5.10 34.36
C ASP B 179 -4.45 -5.06 33.76
N TYR B 180 -4.88 -3.91 33.24
CA TYR B 180 -6.20 -3.77 32.66
C TYR B 180 -6.44 -4.71 31.48
N TRP B 181 -5.39 -5.33 30.93
CA TRP B 181 -5.59 -6.32 29.89
C TRP B 181 -6.30 -7.57 30.38
N VAL B 182 -6.42 -7.74 31.70
CA VAL B 182 -7.11 -8.89 32.28
C VAL B 182 -8.60 -8.51 32.33
N PHE B 183 -9.32 -8.79 31.25
CA PHE B 183 -10.72 -8.39 31.19
C PHE B 183 -11.57 -9.25 32.10
N ASP B 184 -12.55 -8.61 32.73
CA ASP B 184 -13.52 -9.28 33.59
C ASP B 184 -14.83 -9.41 32.84
N PRO B 185 -15.35 -10.63 32.64
CA PRO B 185 -16.58 -10.78 31.84
C PRO B 185 -17.76 -9.99 32.36
N GLU B 186 -17.79 -9.64 33.65
CA GLU B 186 -18.94 -8.92 34.18
C GLU B 186 -18.86 -7.43 33.88
N LYS B 187 -17.66 -6.90 33.67
CA LYS B 187 -17.50 -5.50 33.28
C LYS B 187 -17.14 -5.32 31.82
N ASP B 188 -16.43 -6.28 31.22
CA ASP B 188 -16.03 -6.21 29.81
C ASP B 188 -16.46 -7.49 29.11
N PRO B 189 -17.77 -7.63 28.84
CA PRO B 189 -18.26 -8.87 28.21
C PRO B 189 -17.65 -9.19 26.87
N ILE B 190 -16.95 -8.23 26.24
CA ILE B 190 -16.36 -8.51 24.92
C ILE B 190 -15.36 -9.65 25.03
N ILE B 191 -14.78 -9.86 26.21
CA ILE B 191 -13.85 -10.96 26.41
C ILE B 191 -14.50 -12.30 26.12
N LEU B 192 -15.83 -12.40 26.31
CA LEU B 192 -16.53 -13.65 26.04
C LEU B 192 -16.40 -14.06 24.57
N MET B 193 -16.38 -13.09 23.66
CA MET B 193 -16.28 -13.37 22.23
C MET B 193 -14.87 -13.21 21.69
N LEU B 194 -13.87 -13.09 22.56
CA LEU B 194 -12.45 -13.12 22.19
C LEU B 194 -11.76 -14.22 22.96
N PRO B 195 -12.02 -15.49 22.61
CA PRO B 195 -11.42 -16.59 23.38
C PRO B 195 -9.92 -16.66 23.16
N GLU B 196 -9.24 -17.21 24.15
CA GLU B 196 -7.77 -17.27 24.09
C GLU B 196 -7.28 -18.07 22.89
N GLU B 197 -8.02 -19.10 22.49
CA GLU B 197 -7.62 -19.91 21.34
C GLU B 197 -7.56 -19.07 20.07
N PHE B 198 -8.44 -18.08 19.93
CA PHE B 198 -8.37 -17.17 18.79
C PHE B 198 -7.04 -16.43 18.76
N PHE B 199 -6.61 -15.89 19.91
CA PHE B 199 -5.35 -15.18 19.94
C PHE B 199 -4.17 -16.07 19.56
N MET B 200 -4.25 -17.35 19.92
CA MET B 200 -3.18 -18.28 19.58
C MET B 200 -3.11 -18.51 18.08
N HIS B 201 -4.26 -18.77 17.46
CA HIS B 201 -4.31 -18.92 16.01
C HIS B 201 -3.81 -17.67 15.30
N ALA B 202 -4.18 -16.49 15.80
CA ALA B 202 -3.70 -15.24 15.22
C ALA B 202 -2.19 -15.14 15.34
N ALA B 203 -1.64 -15.49 16.51
CA ALA B 203 -0.20 -15.50 16.66
C ALA B 203 0.46 -16.48 15.69
N CYS B 204 -0.14 -17.67 15.52
CA CYS B 204 0.39 -18.59 14.52
C CYS B 204 0.28 -18.04 13.12
N ALA B 205 -0.77 -17.24 12.85
CA ALA B 205 -0.91 -16.64 11.53
C ALA B 205 0.19 -15.62 11.28
N ILE B 206 0.54 -14.83 12.29
CA ILE B 206 1.57 -13.81 12.12
C ILE B 206 2.91 -14.46 11.76
N LEU B 207 3.29 -15.50 12.50
CA LEU B 207 4.57 -16.16 12.25
C LEU B 207 4.64 -16.75 10.83
N LEU B 208 3.56 -17.38 10.39
CA LEU B 208 3.53 -17.97 9.05
C LEU B 208 3.71 -16.89 7.97
N PHE B 209 3.03 -15.76 8.13
CA PHE B 209 3.23 -14.66 7.18
C PHE B 209 4.67 -14.18 7.19
N ILE B 210 5.28 -14.08 8.38
CA ILE B 210 6.69 -13.73 8.46
C ILE B 210 7.54 -14.80 7.78
N LEU B 211 7.17 -16.08 7.98
CA LEU B 211 7.81 -17.18 7.27
C LEU B 211 7.70 -16.99 5.77
N GLY B 212 6.47 -16.80 5.27
CA GLY B 212 6.29 -16.52 3.86
C GLY B 212 7.13 -15.36 3.38
N GLY B 213 7.23 -14.31 4.19
CA GLY B 213 8.06 -13.18 3.82
C GLY B 213 9.52 -13.55 3.67
N SER B 214 10.05 -14.36 4.61
CA SER B 214 11.43 -14.81 4.50
C SER B 214 11.63 -15.70 3.28
N ILE B 215 10.67 -16.57 2.98
CA ILE B 215 10.77 -17.43 1.80
C ILE B 215 10.77 -16.60 0.53
N LEU B 216 9.84 -15.64 0.41
CA LEU B 216 9.81 -14.79 -0.77
C LEU B 216 11.09 -13.98 -0.90
N CYS B 217 11.69 -13.60 0.23
CA CYS B 217 12.89 -12.78 0.22
C CYS B 217 14.11 -13.61 -0.17
N TYR B 218 14.26 -14.80 0.42
CA TYR B 218 15.32 -15.72 -0.01
C TYR B 218 15.15 -16.11 -1.48
N SER B 219 13.91 -16.39 -1.90
CA SER B 219 13.69 -16.81 -3.28
C SER B 219 14.09 -15.72 -4.27
N LEU B 220 13.76 -14.47 -3.95
CA LEU B 220 14.16 -13.38 -4.82
C LEU B 220 15.68 -13.19 -4.83
N TYR B 221 16.34 -13.44 -3.69
CA TYR B 221 17.80 -13.42 -3.68
C TYR B 221 18.37 -14.52 -4.56
N ARG B 222 17.83 -15.73 -4.44
CA ARG B 222 18.31 -16.84 -5.26
C ARG B 222 18.00 -16.62 -6.73
N TYR B 223 16.88 -15.98 -7.04
CA TYR B 223 16.58 -15.69 -8.44
C TYR B 223 17.62 -14.75 -9.02
N LEU B 224 17.89 -13.63 -8.33
CA LEU B 224 18.82 -12.64 -8.84
C LEU B 224 20.25 -13.17 -8.96
N VAL B 225 20.72 -13.91 -7.95
CA VAL B 225 22.10 -14.43 -8.03
C VAL B 225 22.21 -15.46 -9.15
N LYS B 226 21.23 -16.36 -9.27
CA LYS B 226 21.28 -17.35 -10.35
C LYS B 226 21.22 -16.69 -11.72
N LYS B 227 20.44 -15.62 -11.84
CA LYS B 227 20.37 -14.90 -13.11
C LYS B 227 21.72 -14.27 -13.44
N LYS B 228 22.39 -13.72 -12.43
CA LYS B 228 23.74 -13.18 -12.65
C LYS B 228 24.76 -14.30 -12.86
N ARG B 229 24.56 -15.45 -12.21
CA ARG B 229 25.43 -16.61 -12.47
C ARG B 229 25.33 -17.05 -13.92
N MET B 230 24.12 -16.98 -14.48
CA MET B 230 23.93 -17.26 -15.90
C MET B 230 24.72 -16.30 -16.79
N SER B 231 24.82 -15.04 -16.37
CA SER B 231 25.64 -14.05 -17.06
C SER B 231 27.13 -14.38 -17.00
C18 OLC C . -3.17 20.88 -21.62
C10 OLC C . -1.70 17.53 -14.37
C9 OLC C . -1.79 16.96 -13.14
C17 OLC C . -2.39 20.00 -20.68
C11 OLC C . -0.91 16.93 -15.51
C8 OLC C . -1.11 15.65 -12.81
C24 OLC C . -9.82 15.01 -5.82
C16 OLC C . -2.47 20.54 -19.28
C12 OLC C . -1.67 17.11 -16.80
C7 OLC C . -1.65 15.15 -11.48
C15 OLC C . -2.31 19.40 -18.29
C13 OLC C . -0.76 17.49 -17.94
C6 OLC C . -2.25 13.77 -11.68
C14 OLC C . -0.86 18.98 -18.21
C5 OLC C . -3.28 13.48 -10.60
C4 OLC C . -4.38 12.58 -11.16
C3 OLC C . -5.44 12.30 -10.11
C2 OLC C . -5.68 13.54 -9.27
C21 OLC C . -8.46 13.24 -6.87
C1 OLC C . -7.11 13.59 -8.78
C22 OLC C . -8.82 13.89 -5.56
O19 OLC C . -8.02 13.33 -9.54
O25 OLC C . -10.01 15.77 -4.65
O23 OLC C . -9.40 12.93 -4.71
O20 OLC C . -7.38 13.96 -7.45
C18 OLC D . -0.09 12.49 -1.43
C10 OLC D . -5.28 9.09 -7.00
C9 OLC D . -6.29 8.25 -7.30
C17 OLC D . -0.69 13.52 -2.35
C11 OLC D . -5.38 10.06 -5.85
C8 OLC D . -7.57 8.25 -6.49
C24 OLC D . -12.46 15.35 -2.23
C16 OLC D . -1.47 12.82 -3.45
C12 OLC D . -4.41 9.65 -4.76
C7 OLC D . -8.49 7.17 -7.02
C15 OLC D . -2.65 12.11 -2.81
C13 OLC D . -3.28 10.63 -4.69
C6 OLC D . -9.87 7.33 -6.44
C14 OLC D . -3.70 11.82 -3.86
C5 OLC D . -10.65 8.34 -7.23
C4 OLC D . -11.89 8.74 -6.46
C3 OLC D . -12.41 10.08 -6.95
C2 OLC D . -11.47 11.17 -6.49
C21 OLC D . -12.81 13.42 -3.76
C1 OLC D . -12.22 12.25 -5.75
C22 OLC D . -11.84 14.10 -2.81
O19 OLC D . -12.84 13.09 -6.37
O25 OLC D . -11.60 15.84 -1.22
O23 OLC D . -11.52 13.24 -1.74
O20 OLC D . -12.19 12.31 -4.34
C18 OLC E . 6.15 -0.12 -21.11
C10 OLC E . -0.94 -0.21 -15.92
C9 OLC E . -1.79 -0.63 -16.88
C17 OLC E . 4.97 0.69 -20.58
C11 OLC E . 0.06 0.88 -16.24
C8 OLC E . -1.73 0.00 -18.25
C24 OLC E . -12.60 -0.74 -16.29
C16 OLC E . 4.05 -0.18 -19.77
C12 OLC E . 1.45 0.47 -15.81
C7 OLC E . -2.64 -0.74 -19.22
C15 OLC E . 2.85 0.63 -19.32
C13 OLC E . 2.42 0.86 -16.90
C6 OLC E . -3.97 -1.05 -18.56
C14 OLC E . 2.21 -0.02 -18.11
C5 OLC E . -5.08 -0.26 -19.22
C4 OLC E . -4.95 1.20 -18.87
C3 OLC E . -6.31 1.81 -18.61
C2 OLC E . -6.97 1.08 -17.48
C21 OLC E . -10.49 0.33 -16.99
C1 OLC E . -8.45 1.45 -17.44
C22 OLC E . -11.17 -0.45 -15.90
O19 OLC E . -8.87 2.25 -18.26
O25 OLC E . -13.32 -1.16 -15.15
O23 OLC E . -10.48 -1.67 -15.70
O20 OLC E . -9.29 0.88 -16.47
C18 OLC F . -5.90 8.25 -30.95
C10 OLC F . -4.83 3.24 -23.69
C9 OLC F . -5.53 3.35 -22.54
C17 OLC F . -4.68 7.38 -30.71
C11 OLC F . -5.35 3.84 -24.99
C8 OLC F . -6.86 4.06 -22.50
C24 OLC F . -16.26 2.54 -15.29
C16 OLC F . -4.68 6.89 -29.28
C12 OLC F . -4.19 4.06 -25.94
C7 OLC F . -7.06 4.74 -21.15
C15 OLC F . -3.54 5.92 -29.09
C13 OLC F . -4.58 5.06 -27.00
C6 OLC F . -8.16 5.77 -21.28
C14 OLC F . -3.33 5.67 -27.60
C5 OLC F . -8.78 6.03 -19.91
C4 OLC F . -10.28 6.18 -20.06
C3 OLC F . -10.98 5.34 -19.01
C2 OLC F . -12.44 5.16 -19.37
C21 OLC F . -14.57 3.32 -16.90
C1 OLC F . -13.03 4.02 -18.56
C22 OLC F . -15.97 3.54 -16.39
O19 OLC F . -12.35 3.03 -18.32
O25 OLC F . -17.65 2.53 -15.04
O23 OLC F . -16.09 4.84 -15.87
O20 OLC F . -14.35 4.09 -18.07
C1 GOL G . 7.51 9.49 -14.64
O1 GOL G . 6.60 8.71 -13.93
C2 GOL G . 7.04 10.96 -14.51
O2 GOL G . 5.75 11.13 -14.94
C3 GOL G . 8.05 11.77 -15.34
O3 GOL G . 7.54 13.08 -15.40
C1 GOL H . -12.84 -7.77 -4.77
O1 GOL H . -11.55 -7.33 -4.51
C2 GOL H . -13.67 -7.52 -3.49
O2 GOL H . -13.15 -8.19 -2.40
C3 GOL H . -15.11 -8.00 -3.86
O3 GOL H . -15.95 -7.57 -2.83
C1 GOL I . -11.50 -3.94 -13.36
O1 GOL I . -12.48 -3.41 -12.51
C2 GOL I . -10.28 -4.32 -12.49
O2 GOL I . -9.10 -4.39 -13.21
C3 GOL I . -10.23 -3.24 -11.41
O3 GOL I . -8.93 -3.18 -10.94
C1 GOL J . -6.08 -1.58 -10.76
O1 GOL J . -7.17 -0.86 -11.21
C2 GOL J . -6.18 -1.62 -9.22
O2 GOL J . -7.37 -1.06 -8.75
C3 GOL J . -6.04 -3.12 -8.87
O3 GOL J . -5.48 -3.17 -7.59
C1 GOL K . 9.93 10.32 -34.70
O1 GOL K . 10.54 11.11 -35.67
C2 GOL K . 8.83 11.17 -34.02
O2 GOL K . 7.77 10.40 -33.58
C3 GOL K . 9.56 11.87 -32.84
O3 GOL K . 8.63 12.72 -32.24
C1 GOL L . -31.05 7.87 -8.55
O1 GOL L . -29.87 8.33 -9.13
C2 GOL L . -31.51 8.91 -7.48
O2 GOL L . -30.47 9.29 -6.64
C3 GOL L . -32.65 8.19 -6.72
O3 GOL L . -33.35 9.17 -6.03
C1 GOL M . 8.00 0.63 -28.37
O1 GOL M . 7.87 1.05 -29.68
C2 GOL M . 8.03 1.89 -27.47
O2 GOL M . 7.36 2.96 -28.05
C3 GOL M . 7.39 1.41 -26.15
O3 GOL M . 7.28 2.54 -25.34
C1 GOL N . 1.36 17.46 -25.79
O1 GOL N . 0.45 17.28 -26.82
C2 GOL N . 2.46 16.40 -26.00
O2 GOL N . 3.05 16.50 -27.26
C3 GOL N . 3.47 16.61 -24.85
O3 GOL N . 4.66 15.98 -25.24
C1 GOL O . -9.78 8.00 -26.96
O1 GOL O . -10.63 8.15 -28.04
C2 GOL O . -8.50 7.31 -27.48
O2 GOL O . -8.22 7.65 -28.80
C3 GOL O . -8.75 5.79 -27.30
O3 GOL O . -8.83 5.56 -25.91
C1 GOL P . 2.87 13.75 -3.00
O1 GOL P . 2.32 12.81 -3.89
C2 GOL P . 3.01 15.07 -3.79
O2 GOL P . 2.05 15.17 -4.79
C3 GOL P . 2.88 16.19 -2.71
O3 GOL P . 2.82 17.40 -3.39
C18 OLC Q . 8.41 -5.90 -3.19
C10 OLC Q . 11.71 -1.79 -9.36
C9 OLC Q . 12.88 -1.74 -10.02
C17 OLC Q . 8.28 -4.40 -3.00
C11 OLC Q . 11.67 -1.82 -7.85
C8 OLC Q . 14.18 -1.71 -9.25
C24 OLC Q . 20.18 0.67 -14.95
C16 OLC Q . 8.12 -3.73 -4.34
C12 OLC Q . 11.20 -3.18 -7.38
C7 OLC Q . 15.33 -2.24 -10.11
C15 OLC Q . 8.94 -2.46 -4.38
C13 OLC Q . 9.92 -3.04 -6.59
C6 OLC Q . 14.93 -3.55 -10.76
C14 OLC Q . 10.22 -2.68 -5.15
C5 OLC Q . 14.96 -3.50 -12.28
C4 OLC Q . 15.62 -2.24 -12.80
C3 OLC Q . 14.61 -1.29 -13.42
C2 OLC Q . 14.80 0.11 -12.86
C21 OLC Q . 17.90 1.52 -14.47
C1 OLC Q . 15.71 0.96 -13.72
C22 OLC Q . 19.34 1.51 -14.01
O19 OLC Q . 15.26 1.54 -14.68
O25 OLC Q . 21.22 0.03 -14.24
O23 OLC Q . 19.84 2.82 -13.99
O20 OLC Q . 17.08 1.09 -13.41
C1 GOL R . 42.83 18.28 -35.45
O1 GOL R . 42.42 17.96 -34.16
C2 GOL R . 43.58 19.64 -35.36
O2 GOL R . 44.48 19.81 -36.39
C3 GOL R . 42.46 20.71 -35.38
O3 GOL R . 42.51 21.33 -34.12
C18 OLC S . 7.22 -15.32 24.50
C10 OLC S . 4.51 -12.84 18.27
C9 OLC S . 3.68 -12.23 17.39
C17 OLC S . 7.35 -13.94 25.10
C11 OLC S . 4.77 -12.29 19.66
C8 OLC S . 2.95 -10.96 17.74
C24 OLC S . -3.77 -7.39 23.35
C16 OLC S . 6.41 -13.00 24.37
C12 OLC S . 6.27 -12.13 19.85
C7 OLC S . 3.80 -9.76 17.36
C15 OLC S . 6.89 -12.81 22.95
C13 OLC S . 6.58 -11.24 21.03
C6 OLC S . 2.91 -8.56 17.12
C14 OLC S . 5.94 -11.83 22.27
C5 OLC S . 2.42 -7.99 18.43
C4 OLC S . 0.93 -7.74 18.33
C3 OLC S . 0.59 -6.36 18.82
C2 OLC S . -0.90 -6.12 18.69
C21 OLC S . -2.08 -7.78 21.60
C1 OLC S . -1.54 -6.06 20.07
C22 OLC S . -3.30 -8.35 22.29
O19 OLC S . -1.25 -5.16 20.83
O25 OLC S . -4.47 -8.08 24.36
O23 OLC S . -4.32 -8.56 21.35
O20 OLC S . -2.48 -7.03 20.47
C18 OLC T . 3.65 -14.68 22.51
C10 OLC T . -2.35 -10.57 17.30
C9 OLC T . -3.36 -9.98 16.64
C17 OLC T . 2.65 -13.56 22.69
C11 OLC T . -2.60 -11.79 18.16
C8 OLC T . -4.78 -10.51 16.71
C24 OLC T . -7.61 -9.90 25.42
C16 OLC T . 1.33 -13.93 22.07
C12 OLC T . -2.14 -11.51 19.56
C7 OLC T . -5.60 -9.60 17.59
C15 OLC T . 1.08 -12.99 20.92
C13 OLC T . -0.65 -11.80 19.65
C6 OLC T . -6.63 -8.86 16.76
C14 OLC T . -0.34 -12.48 20.96
C5 OLC T . -7.01 -7.57 17.44
C4 OLC T . -7.99 -7.84 18.56
C3 OLC T . -7.69 -6.91 19.72
C2 OLC T . -8.37 -7.41 20.98
C21 OLC T . -8.56 -8.28 23.80
C1 OLC T . -7.65 -6.84 22.18
C22 OLC T . -8.28 -8.55 25.26
O19 OLC T . -6.59 -6.27 22.02
O25 OLC T . -7.05 -10.00 26.71
O23 OLC T . -7.43 -7.54 25.76
O20 OLC T . -8.18 -6.97 23.47
C18 OLC U . 4.74 -0.21 -1.37
C10 OLC U . 3.53 2.23 4.35
C9 OLC U . 2.79 1.12 4.50
C17 OLC U . 5.54 1.06 -1.16
C11 OLC U . 3.19 3.20 3.25
C8 OLC U . 1.63 0.88 3.54
C24 OLC U . -4.53 0.80 9.12
C16 OLC U . 4.62 2.26 -1.18
C12 OLC U . 4.23 4.29 3.19
C7 OLC U . 0.60 0.00 4.20
C15 OLC U . 5.23 3.39 -0.38
C13 OLC U . 4.65 4.51 1.75
C6 OLC U . 0.80 -1.43 3.76
C14 OLC U . 4.95 3.17 1.10
C5 OLC U . -0.49 -2.17 3.93
C4 OLC U . -0.20 -3.56 4.48
C3 OLC U . -0.49 -3.64 5.96
C2 OLC U . -1.90 -3.21 6.24
C21 OLC U . -3.40 -1.31 8.63
C1 OLC U . -1.87 -1.88 6.97
C22 OLC U . -4.74 -0.68 8.87
O19 OLC U . -0.82 -1.39 7.30
O25 OLC U . -5.72 1.36 9.61
O23 OLC U . -5.55 -0.86 7.73
O20 OLC U . -3.08 -1.23 7.27
C18 OLC V . 3.47 -9.64 -8.48
C10 OLC V . 3.16 -5.21 -1.95
C9 OLC V . 2.43 -5.13 -0.81
C17 OLC V . 4.80 -8.93 -8.57
C11 OLC V . 2.56 -5.80 -3.22
C8 OLC V . 1.00 -5.62 -0.77
C24 OLC V . -8.89 -9.36 3.20
C16 OLC V . 4.71 -7.59 -7.89
C12 OLC V . 3.32 -5.31 -4.42
C7 OLC V . 0.75 -6.33 0.55
C15 OLC V . 5.26 -7.68 -6.48
C13 OLC V . 4.54 -6.16 -4.66
C6 OLC V . -0.67 -6.06 1.01
C14 OLC V . 4.17 -7.37 -5.50
C5 OLC V . -1.00 -6.99 2.16
C4 OLC V . -1.76 -6.26 3.24
C3 OLC V . -3.25 -6.43 3.06
C2 OLC V . -3.83 -6.94 4.37
C21 OLC V . -6.63 -9.42 4.21
C1 OLC V . -4.65 -8.18 4.08
C22 OLC V . -8.09 -9.04 4.43
O19 OLC V . -4.31 -8.91 3.18
O25 OLC V . -10.20 -9.71 3.58
O23 OLC V . -8.61 -9.78 5.51
O20 OLC V . -5.80 -8.47 4.83
C18 OLC W . 13.60 -3.92 -4.73
C10 OLC W . 9.20 -9.36 -0.30
C9 OLC W . 8.11 -9.76 0.39
C17 OLC W . 13.72 -4.74 -3.46
C11 OLC W . 10.31 -8.52 0.31
C8 OLC W . 7.89 -9.39 1.84
C24 OLC W . -2.39 -13.49 2.67
C16 OLC W . 13.44 -3.87 -2.25
C12 OLC W . 11.15 -7.94 -0.81
C7 OLC W . 6.44 -9.03 2.05
C15 OLC W . 13.22 -4.75 -1.04
C13 OLC W . 12.01 -6.81 -0.30
C6 OLC W . 5.75 -10.09 2.89
C14 OLC W . 12.08 -5.72 -1.35
C5 OLC W . 4.78 -9.42 3.84
C4 OLC W . 3.91 -10.46 4.52
C3 OLC W . 2.80 -9.77 5.28
C2 OLC W . 1.57 -10.67 5.32
C21 OLC W . -0.53 -11.85 3.00
C1 OLC W . 0.56 -10.17 4.31
C22 OLC W . -1.91 -12.07 2.41
O19 OLC W . 0.78 -9.14 3.71
O25 OLC W . -3.46 -13.46 3.59
O23 OLC W . -2.83 -11.15 2.98
O20 OLC W . -0.61 -10.91 4.05
C18 OLC X . 10.21 -23.73 -0.43
C10 OLC X . 4.99 -20.77 3.97
C9 OLC X . 4.19 -19.83 4.51
C17 OLC X . 9.82 -23.49 1.00
C11 OLC X . 4.44 -22.14 3.61
C8 OLC X . 2.73 -20.11 4.77
C24 OLC X . -2.95 -22.43 12.12
C16 OLC X . 8.87 -24.58 1.47
C12 OLC X . 5.59 -23.11 3.39
C7 OLC X . 1.88 -19.25 3.87
C15 OLC X . 7.47 -24.24 1.00
C13 OLC X . 5.30 -23.96 2.17
C6 OLC X . 1.21 -18.16 4.68
C14 OLC X . 6.46 -24.90 1.93
C5 OLC X . 0.01 -18.73 5.40
C4 OLC X . -0.54 -17.66 6.33
C3 OLC X . -1.95 -18.01 6.75
C2 OLC X . -1.88 -18.66 8.11
C21 OLC X . -3.34 -20.90 10.19
C1 OLC X . -3.23 -19.19 8.53
C22 OLC X . -3.32 -21.04 11.69
O19 OLC X . -4.12 -19.31 7.71
O25 OLC X . -2.90 -22.50 13.52
O23 OLC X . -2.38 -20.13 12.20
O20 OLC X . -3.47 -19.54 9.87
C18 OLC Y . -10.44 -15.10 2.10
C10 OLC Y . -13.78 -15.98 6.79
C9 OLC Y . -13.31 -17.22 6.58
C17 OLC Y . -11.62 -14.18 1.86
C11 OLC Y . -13.61 -14.95 5.69
C8 OLC Y . -12.62 -17.59 5.29
C24 OLC Y . -6.14 -24.82 12.88
C16 OLC Y . -12.91 -14.93 2.11
C12 OLC Y . -14.53 -13.75 5.90
C7 OLC Y . -11.70 -18.76 5.51
C15 OLC Y . -14.02 -13.93 2.38
C13 OLC Y . -14.85 -13.09 4.58
C6 OLC Y . -10.40 -18.28 6.11
C14 OLC Y . -13.66 -13.15 3.63
C5 OLC Y . -9.41 -19.42 6.25
C4 OLC Y . -9.20 -19.73 7.72
C3 OLC Y . -7.99 -20.63 7.87
C2 OLC Y . -8.12 -21.48 9.12
C21 OLC Y . -6.56 -22.77 11.55
C1 OLC Y . -7.24 -20.94 10.23
C22 OLC Y . -7.05 -23.63 12.69
O19 OLC Y . -6.50 -20.00 10.00
O25 OLC Y . -5.93 -25.03 14.26
O23 OLC Y . -7.04 -22.87 13.88
O20 OLC Y . -7.27 -21.55 11.50
C1 GOL Z . -16.14 1.34 34.73
O1 GOL Z . -17.47 1.37 35.14
C2 GOL Z . -15.29 0.75 35.90
O2 GOL Z . -15.74 -0.49 36.29
C3 GOL Z . -13.85 0.68 35.33
O3 GOL Z . -13.15 -0.23 36.10
C1 GOL AA . 4.50 7.75 16.92
O1 GOL AA . 3.40 8.20 17.67
C2 GOL AA . 5.38 6.90 17.87
O2 GOL AA . 5.55 7.51 19.11
C3 GOL AA . 6.71 6.73 17.13
O3 GOL AA . 7.60 6.13 18.02
C1 GOL BA . 14.97 -20.79 4.31
O1 GOL BA . 13.67 -20.97 3.85
C2 GOL BA . 15.35 -19.33 4.01
O2 GOL BA . 14.24 -18.50 4.00
C3 GOL BA . 16.37 -18.94 5.11
O3 GOL BA . 16.61 -17.58 4.97
C1 GOL CA . -7.59 -5.38 38.70
O1 GOL CA . -7.04 -6.00 37.59
C2 GOL CA . -8.29 -4.14 38.15
O2 GOL CA . -8.18 -4.11 36.77
C3 GOL CA . -7.56 -2.92 38.82
O3 GOL CA . -6.34 -2.79 38.14
O1 PG5 DA . 15.78 -22.27 7.25
C2 PG5 DA . 16.09 -21.59 8.44
C3 PG5 DA . 17.53 -21.10 8.38
O2 PG5 DA . 17.92 -20.61 9.63
C4 PG5 DA . 19.04 -19.76 9.60
C5 PG5 DA . 19.14 -19.00 10.91
O3 PG5 DA . 20.30 -18.21 10.90
C6 PG5 DA . 20.74 -17.84 12.18
C7 PG5 DA . 22.10 -17.16 12.06
O4 PG5 DA . 22.40 -16.50 13.26
#